data_4DR0
#
_entry.id   4DR0
#
_cell.length_a   110.525
_cell.length_b   112.912
_cell.length_c   51.286
_cell.angle_alpha   90.000
_cell.angle_beta   90.000
_cell.angle_gamma   90.000
#
_symmetry.space_group_name_H-M   'P 21 21 2'
#
loop_
_entity.id
_entity.type
_entity.pdbx_description
1 polymer 'Ribonucleoside-diphosphate reductase subunit beta'
2 non-polymer 'MANGANESE (II) ION'
3 non-polymer 'SULFATE ION'
4 water water
#
_entity_poly.entity_id   1
_entity_poly.type   'polypeptide(L)'
_entity_poly.pdbx_seq_one_letter_code
;MGSSHHHHHHSSGLVPRGSHMMTKIYDAANWSKHEDDFTQMFYNQNVKQFWLPEEIALNGDLLTWKYLGKNEQDTYMKVL
AGLTLLDTEQGNTGMPIVAEHVDGHQRKAVLNFMAMMENAVHAKSYSNIFMTLAPTETINEVFEWVKQNKYLQKKAQMIV
GLYKAIQKDDEISLFKAMVASVYLESFLFYSGFYYPLYFYGQGKLMQSGEIINLILRDEAIHGVYVGLLAQEIYNKQTEE
KKAELREFAIDLLNQLYENELEYTEDLYDQVGLSHDVKKFIRYNANKALMNLGFDPYFEEEDINPIVLNGLNTKTKSHDF
FSMKGNGYKKATVEPLKDDDFYFEDEKEQI
;
_entity_poly.pdbx_strand_id   A,B
#
loop_
_chem_comp.id
_chem_comp.type
_chem_comp.name
_chem_comp.formula
MN non-polymer 'MANGANESE (II) ION' 'Mn 2'
SO4 non-polymer 'SULFATE ION' 'O4 S -2'
#
# COMPACT_ATOMS: atom_id res chain seq x y z
N MET A 22 0.30 13.45 -39.77
CA MET A 22 1.55 12.81 -39.28
C MET A 22 1.73 12.88 -37.77
N THR A 23 1.07 13.86 -37.14
CA THR A 23 1.13 14.06 -35.70
C THR A 23 0.42 12.91 -34.97
N LYS A 24 0.86 12.59 -33.77
CA LYS A 24 0.25 11.53 -32.98
C LYS A 24 -0.60 12.08 -31.84
N ILE A 25 -1.53 11.26 -31.35
CA ILE A 25 -2.30 11.56 -30.14
C ILE A 25 -1.42 11.22 -28.93
N TYR A 26 -1.38 12.15 -27.98
CA TYR A 26 -0.40 12.12 -26.88
C TYR A 26 -0.64 11.01 -25.85
N ASP A 27 0.43 10.62 -25.16
CA ASP A 27 0.45 9.45 -24.28
C ASP A 27 -0.43 9.59 -23.04
N ALA A 28 -1.16 8.52 -22.71
CA ALA A 28 -1.95 8.46 -21.47
C ALA A 28 -1.22 7.64 -20.41
N ALA A 29 -0.70 8.33 -19.38
CA ALA A 29 0.11 7.75 -18.30
C ALA A 29 0.13 6.20 -18.20
N ASN A 30 1.06 5.59 -18.93
CA ASN A 30 1.25 4.14 -18.99
C ASN A 30 2.55 3.68 -18.30
N TRP A 31 3.01 2.47 -18.62
CA TRP A 31 4.17 1.87 -17.92
C TRP A 31 5.44 1.64 -18.75
N SER A 32 5.37 1.86 -20.06
CA SER A 32 6.57 1.78 -20.90
C SER A 32 7.38 3.08 -20.83
N LYS A 33 6.70 4.18 -20.55
CA LYS A 33 7.30 5.52 -20.49
C LYS A 33 7.91 5.83 -19.12
N HIS A 34 9.20 6.19 -19.12
CA HIS A 34 9.92 6.58 -17.91
C HIS A 34 9.50 7.99 -17.46
N GLU A 35 9.10 8.12 -16.19
CA GLU A 35 8.82 9.44 -15.60
C GLU A 35 10.11 10.12 -15.18
N ASP A 36 11.15 9.31 -14.93
CA ASP A 36 12.47 9.78 -14.54
C ASP A 36 13.50 8.70 -14.90
N ASP A 37 14.72 8.83 -14.39
CA ASP A 37 15.81 7.91 -14.74
C ASP A 37 15.97 6.73 -13.79
N PHE A 38 15.20 6.71 -12.70
CA PHE A 38 15.45 5.75 -11.62
C PHE A 38 14.25 4.99 -11.06
N THR A 39 13.05 5.55 -11.19
CA THR A 39 11.86 4.95 -10.56
C THR A 39 11.62 3.49 -10.97
N GLN A 40 11.73 3.21 -12.27
CA GLN A 40 11.50 1.85 -12.78
C GLN A 40 12.43 0.81 -12.16
N MET A 41 13.71 1.17 -12.01
CA MET A 41 14.66 0.26 -11.39
C MET A 41 14.40 0.11 -9.88
N PHE A 42 13.93 1.17 -9.22
CA PHE A 42 13.50 1.06 -7.81
C PHE A 42 12.23 0.23 -7.67
N TYR A 43 11.30 0.40 -8.60
CA TYR A 43 10.08 -0.41 -8.64
C TYR A 43 10.45 -1.89 -8.71
N ASN A 44 11.32 -2.25 -9.66
CA ASN A 44 11.75 -3.63 -9.85
C ASN A 44 12.49 -4.17 -8.63
N GLN A 45 13.37 -3.36 -8.05
CA GLN A 45 14.12 -3.76 -6.86
C GLN A 45 13.20 -3.98 -5.66
N ASN A 46 12.27 -3.06 -5.44
CA ASN A 46 11.33 -3.18 -4.33
C ASN A 46 10.46 -4.43 -4.42
N VAL A 47 9.87 -4.67 -5.58
CA VAL A 47 8.99 -5.83 -5.75
C VAL A 47 9.75 -7.16 -5.72
N LYS A 48 11.01 -7.17 -6.16
CA LYS A 48 11.82 -8.39 -6.11
C LYS A 48 12.35 -8.68 -4.70
N GLN A 49 12.29 -7.68 -3.83
CA GLN A 49 12.71 -7.85 -2.46
C GLN A 49 11.55 -8.28 -1.55
N PHE A 50 10.35 -8.43 -2.12
CA PHE A 50 9.16 -8.76 -1.32
C PHE A 50 9.34 -10.01 -0.46
N TRP A 51 8.94 -9.91 0.81
CA TRP A 51 9.05 -11.01 1.77
C TRP A 51 7.99 -10.92 2.87
N LEU A 52 7.81 -12.02 3.59
CA LEU A 52 6.94 -12.07 4.77
C LEU A 52 7.68 -12.74 5.93
N PRO A 53 7.47 -12.25 7.17
CA PRO A 53 8.19 -12.82 8.33
C PRO A 53 7.97 -14.32 8.51
N GLU A 54 6.79 -14.81 8.11
CA GLU A 54 6.44 -16.24 8.22
C GLU A 54 7.36 -17.14 7.39
N GLU A 55 8.10 -16.57 6.45
CA GLU A 55 9.09 -17.32 5.67
C GLU A 55 10.27 -17.80 6.53
N ILE A 56 10.47 -17.12 7.66
CA ILE A 56 11.57 -17.40 8.59
C ILE A 56 11.00 -18.05 9.86
N ALA A 57 11.40 -19.28 10.13
CA ALA A 57 10.98 -19.96 11.37
C ALA A 57 11.81 -19.44 12.55
N LEU A 58 11.14 -19.10 13.64
CA LEU A 58 11.81 -18.37 14.73
C LEU A 58 12.13 -19.21 15.96
N ASN A 59 11.59 -20.41 16.02
CA ASN A 59 11.79 -21.29 17.18
C ASN A 59 13.26 -21.67 17.44
N GLY A 60 14.09 -21.52 16.42
CA GLY A 60 15.55 -21.72 16.55
C GLY A 60 16.26 -20.72 17.45
N ASP A 61 15.72 -19.51 17.59
CA ASP A 61 16.25 -18.51 18.54
C ASP A 61 15.90 -18.75 20.01
N LEU A 62 15.00 -19.70 20.28
CA LEU A 62 14.47 -19.90 21.64
C LEU A 62 15.54 -20.08 22.71
N LEU A 63 16.57 -20.86 22.40
CA LEU A 63 17.63 -21.14 23.35
C LEU A 63 18.62 -19.99 23.56
N THR A 64 19.12 -19.37 22.48
CA THR A 64 20.03 -18.23 22.64
C THR A 64 19.34 -17.05 23.33
N TRP A 65 18.01 -16.97 23.22
CA TRP A 65 17.22 -15.94 23.91
C TRP A 65 17.14 -16.24 25.42
N LYS A 66 16.75 -17.47 25.73
CA LYS A 66 16.69 -17.95 27.10
C LYS A 66 17.99 -17.69 27.87
N TYR A 67 19.12 -17.72 27.16
CA TYR A 67 20.47 -17.62 27.74
C TYR A 67 20.97 -16.20 28.00
N LEU A 68 20.27 -15.20 27.45
CA LEU A 68 20.65 -13.81 27.66
C LEU A 68 20.29 -13.37 29.06
N GLY A 69 21.05 -12.43 29.62
CA GLY A 69 20.71 -11.82 30.90
C GLY A 69 19.41 -11.01 30.84
N LYS A 70 18.81 -10.76 31.99
CA LYS A 70 17.58 -9.98 32.05
C LYS A 70 17.75 -8.57 31.45
N ASN A 71 18.91 -7.95 31.72
CA ASN A 71 19.26 -6.65 31.13
C ASN A 71 19.29 -6.69 29.60
N GLU A 72 19.86 -7.75 29.06
CA GLU A 72 20.00 -7.91 27.61
C GLU A 72 18.63 -8.11 26.95
N GLN A 73 17.80 -8.94 27.56
CA GLN A 73 16.45 -9.19 27.05
C GLN A 73 15.60 -7.92 27.09
N ASP A 74 15.73 -7.16 28.18
CA ASP A 74 14.98 -5.92 28.35
C ASP A 74 15.36 -4.91 27.25
N THR A 75 16.65 -4.70 27.04
CA THR A 75 17.13 -3.79 26.01
C THR A 75 16.66 -4.25 24.63
N TYR A 76 16.79 -5.55 24.37
CA TYR A 76 16.36 -6.11 23.09
C TYR A 76 14.87 -5.86 22.80
N MET A 77 14.00 -6.14 23.77
CA MET A 77 12.54 -5.95 23.62
C MET A 77 12.23 -4.48 23.32
N LYS A 78 12.91 -3.60 24.06
CA LYS A 78 12.61 -2.17 24.00
C LYS A 78 13.07 -1.59 22.67
N VAL A 79 14.26 -2.00 22.26
CA VAL A 79 14.84 -1.66 20.96
C VAL A 79 13.89 -2.00 19.80
N LEU A 80 13.38 -3.23 19.78
CA LEU A 80 12.46 -3.65 18.73
C LEU A 80 11.12 -2.92 18.82
N ALA A 81 10.68 -2.61 20.05
CA ALA A 81 9.45 -1.84 20.26
C ALA A 81 9.56 -0.42 19.69
N GLY A 82 10.73 0.21 19.87
CA GLY A 82 11.03 1.52 19.31
C GLY A 82 11.02 1.49 17.79
N LEU A 83 11.53 0.40 17.23
CA LEU A 83 11.50 0.16 15.78
C LEU A 83 10.06 -0.01 15.29
N THR A 84 9.27 -0.79 16.05
CA THR A 84 7.87 -1.03 15.70
C THR A 84 7.11 0.28 15.60
N LEU A 85 7.35 1.18 16.55
CA LEU A 85 6.67 2.48 16.57
C LEU A 85 7.01 3.29 15.32
N LEU A 86 8.29 3.39 15.01
CA LEU A 86 8.77 4.08 13.80
C LEU A 86 8.12 3.55 12.51
N ASP A 87 8.13 2.22 12.35
CA ASP A 87 7.50 1.58 11.17
C ASP A 87 5.97 1.75 11.12
N THR A 88 5.33 1.72 12.29
CA THR A 88 3.90 1.98 12.39
C THR A 88 3.56 3.35 11.78
N GLU A 89 4.32 4.38 12.14
CA GLU A 89 4.05 5.73 11.67
C GLU A 89 4.53 5.95 10.22
N GLN A 90 5.62 5.28 9.85
CA GLN A 90 6.12 5.34 8.48
C GLN A 90 5.11 4.70 7.51
N GLY A 91 4.47 3.62 7.96
CA GLY A 91 3.47 2.92 7.15
C GLY A 91 2.11 3.57 7.16
N ASN A 92 1.64 3.99 8.33
CA ASN A 92 0.32 4.61 8.49
C ASN A 92 0.26 6.02 7.88
N THR A 93 1.38 6.75 7.99
CA THR A 93 1.35 8.20 7.78
C THR A 93 2.38 8.68 6.77
N GLY A 94 3.65 8.40 7.04
CA GLY A 94 4.77 8.96 6.28
C GLY A 94 4.76 8.60 4.80
N MET A 95 4.83 7.31 4.50
CA MET A 95 4.85 6.88 3.12
C MET A 95 3.56 7.20 2.32
N PRO A 96 2.35 6.95 2.90
CA PRO A 96 1.10 7.33 2.20
C PRO A 96 0.98 8.82 1.91
N ILE A 97 1.34 9.68 2.87
CA ILE A 97 1.26 11.13 2.67
C ILE A 97 2.24 11.65 1.61
N VAL A 98 3.46 11.13 1.61
CA VAL A 98 4.43 11.47 0.56
C VAL A 98 3.92 10.95 -0.81
N ALA A 99 3.36 9.73 -0.83
CA ALA A 99 2.77 9.20 -2.07
C ALA A 99 1.69 10.13 -2.61
N GLU A 100 0.86 10.68 -1.73
CA GLU A 100 -0.22 11.58 -2.12
C GLU A 100 0.27 12.82 -2.86
N HIS A 101 1.42 13.35 -2.42
CA HIS A 101 1.90 14.63 -2.92
C HIS A 101 2.90 14.54 -4.08
N VAL A 102 3.47 13.36 -4.29
CA VAL A 102 4.42 13.13 -5.37
C VAL A 102 3.66 12.80 -6.66
N ASP A 103 4.02 13.47 -7.75
CA ASP A 103 3.37 13.29 -9.05
C ASP A 103 3.94 12.14 -9.86
N GLY A 104 3.07 11.40 -10.55
CA GLY A 104 3.47 10.32 -11.45
C GLY A 104 3.08 8.95 -10.92
N HIS A 105 2.31 8.21 -11.72
CA HIS A 105 1.76 6.91 -11.30
C HIS A 105 2.81 5.88 -10.90
N GLN A 106 3.96 5.90 -11.57
CA GLN A 106 5.03 4.97 -11.22
C GLN A 106 5.72 5.35 -9.91
N ARG A 107 5.96 6.64 -9.70
CA ARG A 107 6.52 7.12 -8.43
C ARG A 107 5.57 6.78 -7.29
N LYS A 108 4.28 6.98 -7.52
CA LYS A 108 3.25 6.63 -6.52
C LYS A 108 3.20 5.15 -6.23
N ALA A 109 3.38 4.31 -7.26
CA ALA A 109 3.39 2.86 -7.07
C ALA A 109 4.55 2.38 -6.20
N VAL A 110 5.73 2.99 -6.38
CA VAL A 110 6.89 2.67 -5.56
C VAL A 110 6.64 3.09 -4.11
N LEU A 111 6.18 4.31 -3.92
CA LEU A 111 5.90 4.83 -2.57
C LEU A 111 4.79 4.05 -1.86
N ASN A 112 3.74 3.67 -2.59
CA ASN A 112 2.69 2.79 -2.05
C ASN A 112 3.21 1.42 -1.63
N PHE A 113 4.08 0.84 -2.45
CA PHE A 113 4.70 -0.44 -2.11
C PHE A 113 5.55 -0.34 -0.83
N MET A 114 6.37 0.72 -0.76
CA MET A 114 7.19 0.99 0.43
C MET A 114 6.33 1.16 1.69
N ALA A 115 5.22 1.89 1.57
CA ALA A 115 4.24 2.04 2.67
C ALA A 115 3.69 0.71 3.16
N MET A 116 3.33 -0.16 2.24
CA MET A 116 2.83 -1.48 2.57
C MET A 116 3.90 -2.27 3.36
N MET A 117 5.14 -2.23 2.89
CA MET A 117 6.23 -2.92 3.56
C MET A 117 6.38 -2.44 5.01
N GLU A 118 6.29 -1.13 5.22
CA GLU A 118 6.42 -0.55 6.56
C GLU A 118 5.45 -1.17 7.58
N ASN A 119 4.15 -1.13 7.28
CA ASN A 119 3.17 -1.57 8.27
C ASN A 119 2.63 -3.00 8.12
N ALA A 120 2.57 -3.51 6.89
CA ALA A 120 2.09 -4.87 6.64
C ALA A 120 3.20 -5.91 6.77
N VAL A 121 4.46 -5.50 6.60
CA VAL A 121 5.57 -6.46 6.71
C VAL A 121 6.51 -6.18 7.87
N HIS A 122 7.10 -4.99 7.91
CA HIS A 122 8.11 -4.65 8.92
C HIS A 122 7.55 -4.59 10.33
N ALA A 123 6.55 -3.72 10.53
CA ALA A 123 5.97 -3.55 11.86
C ALA A 123 5.43 -4.88 12.39
N LYS A 124 4.82 -5.67 11.52
CA LYS A 124 4.26 -6.97 11.91
C LYS A 124 5.32 -8.02 12.28
N SER A 125 6.44 -8.04 11.57
CA SER A 125 7.56 -8.94 11.86
CA SER A 125 7.52 -8.97 11.87
C SER A 125 8.02 -8.85 13.31
N TYR A 126 8.00 -7.64 13.88
CA TYR A 126 8.42 -7.46 15.27
C TYR A 126 7.52 -8.20 16.22
N SER A 127 6.21 -8.22 15.91
CA SER A 127 5.26 -8.98 16.71
C SER A 127 5.49 -10.47 16.58
N ASN A 128 5.93 -10.94 15.41
CA ASN A 128 6.28 -12.35 15.24
C ASN A 128 7.46 -12.70 16.16
N ILE A 129 8.45 -11.82 16.19
CA ILE A 129 9.58 -12.01 17.10
C ILE A 129 9.12 -12.00 18.57
N PHE A 130 8.37 -10.96 18.96
CA PHE A 130 7.85 -10.86 20.33
C PHE A 130 7.04 -12.10 20.75
N MET A 131 6.16 -12.56 19.86
CA MET A 131 5.27 -13.68 20.19
C MET A 131 5.99 -15.00 20.36
N THR A 132 7.14 -15.13 19.70
CA THR A 132 7.99 -16.30 19.85
C THR A 132 8.77 -16.28 21.16
N LEU A 133 9.46 -15.17 21.42
CA LEU A 133 10.41 -15.09 22.53
C LEU A 133 9.82 -14.74 23.90
N ALA A 134 8.75 -13.96 23.92
CA ALA A 134 8.27 -13.35 25.16
C ALA A 134 6.87 -13.77 25.53
N PRO A 135 6.58 -13.86 26.85
CA PRO A 135 5.23 -14.08 27.32
C PRO A 135 4.38 -12.83 27.14
N THR A 136 3.07 -13.01 27.04
CA THR A 136 2.14 -11.92 26.74
C THR A 136 2.28 -10.68 27.64
N GLU A 137 2.57 -10.89 28.93
CA GLU A 137 2.68 -9.79 29.90
C GLU A 137 3.87 -8.89 29.61
N THR A 138 4.97 -9.51 29.19
CA THR A 138 6.18 -8.78 28.82
C THR A 138 5.94 -8.01 27.52
N ILE A 139 5.20 -8.62 26.60
CA ILE A 139 4.79 -7.94 25.37
C ILE A 139 3.89 -6.74 25.67
N ASN A 140 2.86 -6.94 26.50
CA ASN A 140 1.96 -5.85 26.92
C ASN A 140 2.73 -4.70 27.58
N GLU A 141 3.65 -5.04 28.48
CA GLU A 141 4.47 -4.06 29.19
C GLU A 141 5.35 -3.22 28.25
N VAL A 142 5.97 -3.87 27.27
CA VAL A 142 6.85 -3.11 26.35
C VAL A 142 6.07 -2.14 25.45
N PHE A 143 4.86 -2.52 25.06
CA PHE A 143 4.02 -1.59 24.27
C PHE A 143 3.50 -0.43 25.14
N GLU A 144 3.24 -0.70 26.41
CA GLU A 144 2.94 0.37 27.37
C GLU A 144 4.14 1.29 27.55
N TRP A 145 5.32 0.69 27.60
CA TRP A 145 6.57 1.44 27.71
C TRP A 145 6.83 2.40 26.53
N VAL A 146 6.51 1.98 25.30
CA VAL A 146 6.67 2.94 24.18
C VAL A 146 5.79 4.18 24.35
N LYS A 147 4.56 4.00 24.84
CA LYS A 147 3.62 5.12 25.00
C LYS A 147 4.12 6.19 25.98
N GLN A 148 4.87 5.77 26.99
CA GLN A 148 5.30 6.67 28.07
C GLN A 148 6.77 7.10 27.99
N ASN A 149 7.53 6.52 27.06
CA ASN A 149 8.93 6.86 26.89
C ASN A 149 9.08 8.22 26.22
N LYS A 150 9.74 9.16 26.88
CA LYS A 150 9.76 10.56 26.40
C LYS A 150 10.57 10.80 25.12
N TYR A 151 11.65 10.04 24.93
CA TYR A 151 12.48 10.16 23.73
C TYR A 151 11.80 9.60 22.49
N LEU A 152 11.10 8.49 22.66
CA LEU A 152 10.36 7.86 21.59
C LEU A 152 9.15 8.72 21.21
N GLN A 153 8.44 9.26 22.21
CA GLN A 153 7.36 10.20 21.93
C GLN A 153 7.85 11.49 21.24
N LYS A 154 8.97 12.05 21.72
CA LYS A 154 9.54 13.24 21.08
C LYS A 154 9.89 12.99 19.61
N LYS A 155 10.54 11.85 19.30
CA LYS A 155 10.97 11.63 17.91
C LYS A 155 9.79 11.40 16.98
N ALA A 156 8.78 10.65 17.47
CA ALA A 156 7.50 10.51 16.75
C ALA A 156 6.79 11.85 16.55
N GLN A 157 6.73 12.67 17.59
CA GLN A 157 6.10 14.00 17.50
C GLN A 157 6.73 14.83 16.40
N MET A 158 8.06 14.82 16.37
CA MET A 158 8.81 15.64 15.42
C MET A 158 8.66 15.16 13.98
N ILE A 159 8.76 13.85 13.79
CA ILE A 159 8.72 13.29 12.45
C ILE A 159 7.30 13.38 11.88
N VAL A 160 6.31 12.93 12.66
CA VAL A 160 4.92 12.94 12.21
C VAL A 160 4.40 14.36 12.05
N GLY A 161 4.90 15.28 12.86
CA GLY A 161 4.51 16.67 12.75
C GLY A 161 4.86 17.21 11.39
N LEU A 162 6.08 16.92 10.95
CA LEU A 162 6.51 17.34 9.61
C LEU A 162 5.70 16.67 8.48
N TYR A 163 5.39 15.39 8.61
CA TYR A 163 4.50 14.72 7.64
C TYR A 163 3.15 15.41 7.52
N LYS A 164 2.59 15.79 8.68
CA LYS A 164 1.25 16.35 8.67
C LYS A 164 1.24 17.84 8.32
N ALA A 165 2.42 18.45 8.25
CA ALA A 165 2.53 19.84 7.84
C ALA A 165 2.61 20.01 6.31
N ILE A 166 2.73 18.91 5.55
CA ILE A 166 2.79 19.02 4.09
C ILE A 166 1.54 19.71 3.55
N GLN A 167 1.74 20.71 2.70
CA GLN A 167 0.64 21.42 2.08
C GLN A 167 0.61 21.07 0.60
N LYS A 168 -0.58 20.83 0.08
CA LYS A 168 -0.75 20.49 -1.34
C LYS A 168 -0.09 21.55 -2.20
N ASP A 169 0.57 21.10 -3.26
CA ASP A 169 1.28 21.99 -4.19
C ASP A 169 2.36 22.88 -3.58
N ASP A 170 2.78 22.55 -2.36
CA ASP A 170 3.84 23.32 -1.71
C ASP A 170 5.04 22.40 -1.55
N GLU A 171 5.99 22.58 -2.46
CA GLU A 171 7.14 21.70 -2.59
C GLU A 171 8.10 21.81 -1.40
N ILE A 172 8.14 22.98 -0.75
CA ILE A 172 9.03 23.18 0.39
C ILE A 172 8.56 22.36 1.60
N SER A 173 7.26 22.36 1.89
CA SER A 173 6.77 21.55 3.01
C SER A 173 6.98 20.06 2.71
N LEU A 174 6.87 19.69 1.44
CA LEU A 174 7.11 18.30 1.01
C LEU A 174 8.58 17.92 1.21
N PHE A 175 9.50 18.79 0.78
CA PHE A 175 10.94 18.57 0.99
C PHE A 175 11.28 18.33 2.46
N LYS A 176 10.69 19.16 3.32
CA LYS A 176 10.94 19.05 4.77
C LYS A 176 10.50 17.69 5.31
N ALA A 177 9.32 17.22 4.89
CA ALA A 177 8.85 15.90 5.25
C ALA A 177 9.72 14.76 4.68
N MET A 178 10.24 14.93 3.46
CA MET A 178 11.14 13.94 2.85
C MET A 178 12.47 13.87 3.58
N VAL A 179 12.95 15.00 4.08
CA VAL A 179 14.17 15.02 4.90
C VAL A 179 13.91 14.22 6.19
N ALA A 180 12.76 14.49 6.80
CA ALA A 180 12.35 13.78 8.01
C ALA A 180 12.28 12.27 7.75
N SER A 181 11.67 11.88 6.63
CA SER A 181 11.58 10.47 6.22
C SER A 181 12.95 9.84 5.99
N VAL A 182 13.84 10.53 5.25
CA VAL A 182 15.21 10.01 5.11
C VAL A 182 15.88 9.85 6.49
N TYR A 183 15.71 10.83 7.38
CA TYR A 183 16.29 10.71 8.73
C TYR A 183 15.72 9.54 9.53
N LEU A 184 14.44 9.25 9.32
CA LEU A 184 13.83 8.05 9.93
C LEU A 184 14.41 6.78 9.32
N GLU A 185 14.50 6.72 7.97
CA GLU A 185 14.94 5.51 7.27
C GLU A 185 16.41 5.16 7.52
N SER A 186 17.25 6.18 7.46
CA SER A 186 18.70 6.02 7.31
C SER A 186 19.49 6.41 8.55
N PHE A 187 18.83 7.01 9.54
CA PHE A 187 19.47 7.44 10.78
C PHE A 187 18.77 6.87 12.03
N LEU A 188 17.49 7.22 12.21
CA LEU A 188 16.74 6.89 13.45
C LEU A 188 16.55 5.39 13.75
N PHE A 189 16.42 4.57 12.71
CA PHE A 189 16.26 3.13 12.91
C PHE A 189 17.52 2.51 13.54
N TYR A 190 18.66 3.18 13.39
CA TYR A 190 19.93 2.50 13.62
C TYR A 190 20.34 2.30 15.09
N SER A 191 19.79 3.12 15.99
CA SER A 191 19.97 2.91 17.42
C SER A 191 19.29 1.60 17.82
N GLY A 192 18.23 1.25 17.08
CA GLY A 192 17.52 0.00 17.23
C GLY A 192 18.18 -1.18 16.53
N PHE A 193 18.54 -1.01 15.25
CA PHE A 193 19.20 -2.07 14.46
C PHE A 193 20.50 -2.58 15.06
N TYR A 194 21.21 -1.73 15.81
CA TYR A 194 22.52 -2.08 16.36
C TYR A 194 22.48 -3.42 17.08
N TYR A 195 21.49 -3.61 17.94
CA TYR A 195 21.50 -4.73 18.89
C TYR A 195 21.22 -6.09 18.23
N PRO A 196 20.16 -6.19 17.37
CA PRO A 196 20.01 -7.44 16.61
C PRO A 196 21.24 -7.77 15.76
N LEU A 197 21.87 -6.76 15.16
CA LEU A 197 23.08 -6.96 14.36
C LEU A 197 24.25 -7.43 15.24
N TYR A 198 24.35 -6.84 16.42
CA TYR A 198 25.40 -7.15 17.37
C TYR A 198 25.31 -8.64 17.77
N PHE A 199 24.10 -9.12 18.01
CA PHE A 199 23.90 -10.55 18.30
C PHE A 199 24.11 -11.47 17.10
N TYR A 200 23.54 -11.11 15.96
CA TYR A 200 23.71 -11.86 14.70
C TYR A 200 25.20 -12.10 14.43
N GLY A 201 26.00 -11.05 14.62
CA GLY A 201 27.43 -11.12 14.39
C GLY A 201 28.19 -12.05 15.33
N GLN A 202 27.57 -12.40 16.46
CA GLN A 202 28.16 -13.35 17.43
C GLN A 202 27.55 -14.73 17.30
N GLY A 203 26.67 -14.91 16.30
CA GLY A 203 25.98 -16.17 16.10
C GLY A 203 24.85 -16.40 17.07
N LYS A 204 24.24 -15.30 17.53
CA LYS A 204 23.14 -15.38 18.49
C LYS A 204 21.89 -14.72 17.92
N LEU A 205 20.74 -15.30 18.24
CA LEU A 205 19.44 -14.82 17.75
C LEU A 205 19.45 -14.62 16.23
N MET A 206 19.87 -15.66 15.53
CA MET A 206 20.14 -15.51 14.11
C MET A 206 18.90 -15.51 13.22
N GLN A 207 17.81 -16.10 13.70
CA GLN A 207 16.55 -16.10 12.93
C GLN A 207 15.88 -14.72 13.00
N SER A 208 15.75 -14.18 14.21
CA SER A 208 15.32 -12.79 14.41
C SER A 208 16.24 -11.84 13.64
N GLY A 209 17.54 -12.12 13.70
CA GLY A 209 18.55 -11.34 12.99
C GLY A 209 18.39 -11.35 11.48
N GLU A 210 17.95 -12.50 10.94
CA GLU A 210 17.66 -12.62 9.52
C GLU A 210 16.50 -11.70 9.11
N ILE A 211 15.45 -11.67 9.93
CA ILE A 211 14.32 -10.75 9.72
C ILE A 211 14.80 -9.29 9.71
N ILE A 212 15.59 -8.92 10.72
CA ILE A 212 16.11 -7.57 10.85
C ILE A 212 16.97 -7.16 9.65
N ASN A 213 17.81 -8.08 9.15
CA ASN A 213 18.62 -7.80 7.96
C ASN A 213 17.77 -7.55 6.72
N LEU A 214 16.66 -8.27 6.60
CA LEU A 214 15.73 -8.04 5.51
C LEU A 214 15.07 -6.67 5.63
N ILE A 215 14.62 -6.32 6.84
CA ILE A 215 14.09 -4.98 7.12
C ILE A 215 15.14 -3.92 6.77
N LEU A 216 16.39 -4.12 7.20
CA LEU A 216 17.45 -3.14 6.96
C LEU A 216 17.74 -2.97 5.46
N ARG A 217 17.79 -4.09 4.75
CA ARG A 217 17.96 -4.07 3.30
C ARG A 217 16.87 -3.21 2.62
N ASP A 218 15.61 -3.35 3.05
CA ASP A 218 14.50 -2.51 2.57
C ASP A 218 14.71 -1.02 2.91
N GLU A 219 15.03 -0.72 4.18
CA GLU A 219 15.14 0.69 4.59
C GLU A 219 16.25 1.40 3.84
N ALA A 220 17.35 0.69 3.56
CA ALA A 220 18.45 1.29 2.80
C ALA A 220 18.00 1.80 1.42
N ILE A 221 17.21 1.00 0.70
CA ILE A 221 16.70 1.43 -0.61
C ILE A 221 15.58 2.48 -0.47
N HIS A 222 14.78 2.38 0.59
CA HIS A 222 13.75 3.41 0.88
C HIS A 222 14.38 4.78 1.13
N GLY A 223 15.45 4.81 1.92
CA GLY A 223 16.19 6.05 2.21
C GLY A 223 16.85 6.67 0.98
N VAL A 224 17.41 5.83 0.10
CA VAL A 224 17.99 6.32 -1.15
C VAL A 224 16.90 6.92 -2.04
N TYR A 225 15.81 6.18 -2.23
CA TYR A 225 14.72 6.64 -3.10
C TYR A 225 14.12 7.98 -2.65
N VAL A 226 13.70 8.06 -1.39
CA VAL A 226 13.16 9.31 -0.85
C VAL A 226 14.21 10.43 -0.91
N GLY A 227 15.47 10.09 -0.64
CA GLY A 227 16.58 11.04 -0.81
C GLY A 227 16.66 11.65 -2.21
N LEU A 228 16.49 10.81 -3.23
CA LEU A 228 16.50 11.30 -4.62
C LEU A 228 15.33 12.24 -4.92
N LEU A 229 14.15 11.93 -4.38
CA LEU A 229 12.99 12.83 -4.53
C LEU A 229 13.20 14.18 -3.83
N ALA A 230 13.79 14.14 -2.64
CA ALA A 230 14.13 15.36 -1.91
C ALA A 230 15.12 16.23 -2.69
N GLN A 231 16.15 15.60 -3.25
CA GLN A 231 17.13 16.32 -4.08
C GLN A 231 16.52 16.99 -5.29
N GLU A 232 15.51 16.34 -5.88
CA GLU A 232 14.78 16.93 -7.00
C GLU A 232 14.20 18.29 -6.62
N ILE A 233 13.57 18.35 -5.45
CA ILE A 233 12.94 19.58 -4.97
C ILE A 233 13.97 20.63 -4.61
N TYR A 234 14.99 20.22 -3.85
CA TYR A 234 16.12 21.08 -3.49
C TYR A 234 16.77 21.72 -4.73
N ASN A 235 16.96 20.93 -5.78
CA ASN A 235 17.64 21.43 -6.98
C ASN A 235 16.86 22.47 -7.77
N LYS A 236 15.56 22.61 -7.49
CA LYS A 236 14.72 23.63 -8.11
C LYS A 236 14.88 25.02 -7.48
N GLN A 237 15.53 25.09 -6.32
CA GLN A 237 15.54 26.32 -5.54
C GLN A 237 16.65 27.30 -5.94
N THR A 238 16.47 28.58 -5.58
CA THR A 238 17.55 29.56 -5.66
C THR A 238 18.67 29.16 -4.68
N GLU A 239 19.85 29.76 -4.86
CA GLU A 239 20.96 29.51 -3.95
C GLU A 239 20.64 29.92 -2.51
N GLU A 240 19.92 31.03 -2.37
CA GLU A 240 19.48 31.54 -1.07
C GLU A 240 18.53 30.55 -0.38
N LYS A 241 17.56 30.03 -1.14
CA LYS A 241 16.62 29.05 -0.63
C LYS A 241 17.30 27.73 -0.24
N LYS A 242 18.23 27.28 -1.08
CA LYS A 242 19.05 26.10 -0.81
C LYS A 242 19.80 26.21 0.51
N ALA A 243 20.41 27.39 0.73
CA ALA A 243 21.11 27.67 1.98
C ALA A 243 20.19 27.51 3.19
N GLU A 244 18.95 27.98 3.07
CA GLU A 244 17.95 27.80 4.14
C GLU A 244 17.55 26.33 4.34
N LEU A 245 17.41 25.60 3.24
CA LEU A 245 17.05 24.18 3.30
C LEU A 245 18.14 23.32 3.96
N ARG A 246 19.40 23.65 3.69
CA ARG A 246 20.53 22.99 4.36
C ARG A 246 20.50 23.28 5.85
N GLU A 247 20.21 24.53 6.21
CA GLU A 247 20.05 24.92 7.62
C GLU A 247 18.93 24.10 8.28
N PHE A 248 17.79 24.00 7.60
CA PHE A 248 16.68 23.19 8.10
C PHE A 248 17.15 21.75 8.35
N ALA A 249 17.81 21.17 7.36
CA ALA A 249 18.22 19.75 7.40
C ALA A 249 19.21 19.48 8.52
N ILE A 250 20.19 20.37 8.66
CA ILE A 250 21.22 20.24 9.68
C ILE A 250 20.67 20.52 11.09
N ASP A 251 19.85 21.56 11.24
CA ASP A 251 19.18 21.82 12.53
C ASP A 251 18.30 20.65 12.96
N LEU A 252 17.56 20.09 12.00
CA LEU A 252 16.69 18.95 12.30
C LEU A 252 17.51 17.73 12.70
N LEU A 253 18.59 17.50 11.97
CA LEU A 253 19.45 16.36 12.25
C LEU A 253 20.03 16.47 13.66
N ASN A 254 20.60 17.63 13.99
CA ASN A 254 21.13 17.88 15.33
C ASN A 254 20.10 17.72 16.45
N GLN A 255 18.89 18.21 16.23
CA GLN A 255 17.83 18.07 17.22
C GLN A 255 17.45 16.58 17.43
N LEU A 256 17.31 15.85 16.33
CA LEU A 256 17.03 14.42 16.40
C LEU A 256 18.20 13.67 17.04
N TYR A 257 19.41 14.06 16.66
CA TYR A 257 20.63 13.43 17.17
C TYR A 257 20.73 13.55 18.70
N GLU A 258 20.53 14.77 19.22
CA GLU A 258 20.61 15.00 20.67
C GLU A 258 19.59 14.18 21.44
N ASN A 259 18.38 14.06 20.89
CA ASN A 259 17.36 13.20 21.47
C ASN A 259 17.76 11.72 21.40
N GLU A 260 18.34 11.31 20.27
CA GLU A 260 18.73 9.92 20.07
C GLU A 260 19.86 9.50 21.04
N LEU A 261 20.76 10.43 21.35
CA LEU A 261 21.80 10.20 22.36
C LEU A 261 21.22 9.80 23.72
N GLU A 262 20.24 10.58 24.18
CA GLU A 262 19.56 10.29 25.44
C GLU A 262 18.81 8.96 25.41
N TYR A 263 18.11 8.69 24.30
CA TYR A 263 17.43 7.41 24.06
C TYR A 263 18.42 6.26 24.11
N THR A 264 19.56 6.44 23.44
CA THR A 264 20.60 5.39 23.36
C THR A 264 21.15 5.08 24.76
N GLU A 265 21.46 6.12 25.53
CA GLU A 265 21.97 5.93 26.88
C GLU A 265 20.95 5.23 27.77
N ASP A 266 19.71 5.66 27.64
CA ASP A 266 18.61 5.06 28.40
C ASP A 266 18.48 3.55 28.16
N LEU A 267 18.64 3.13 26.91
CA LEU A 267 18.51 1.71 26.56
C LEU A 267 19.76 0.88 26.77
N TYR A 268 20.92 1.44 26.41
CA TYR A 268 22.14 0.66 26.33
C TYR A 268 23.08 0.70 27.53
N ASP A 269 22.93 1.68 28.43
CA ASP A 269 23.80 1.73 29.61
C ASP A 269 23.75 0.42 30.42
N GLN A 270 22.56 -0.17 30.52
CA GLN A 270 22.41 -1.43 31.29
C GLN A 270 23.07 -2.66 30.65
N VAL A 271 23.47 -2.53 29.38
CA VAL A 271 24.19 -3.63 28.69
C VAL A 271 25.62 -3.21 28.29
N GLY A 272 26.00 -1.99 28.66
CA GLY A 272 27.37 -1.50 28.52
C GLY A 272 27.80 -1.05 27.13
N LEU A 273 26.82 -0.73 26.28
CA LEU A 273 27.11 -0.52 24.86
C LEU A 273 26.85 0.88 24.31
N SER A 274 26.50 1.83 25.18
CA SER A 274 26.02 3.13 24.73
C SER A 274 26.99 3.86 23.81
N HIS A 275 28.27 3.87 24.18
CA HIS A 275 29.31 4.56 23.41
C HIS A 275 29.46 3.95 22.00
N ASP A 276 29.42 2.63 21.93
CA ASP A 276 29.50 1.90 20.67
C ASP A 276 28.33 2.22 19.74
N VAL A 277 27.12 2.20 20.30
CA VAL A 277 25.90 2.53 19.54
C VAL A 277 25.95 3.97 19.02
N LYS A 278 26.42 4.89 19.86
CA LYS A 278 26.57 6.29 19.46
C LYS A 278 27.45 6.46 18.22
N LYS A 279 28.55 5.71 18.17
CA LYS A 279 29.42 5.74 17.00
C LYS A 279 28.66 5.25 15.76
N PHE A 280 27.83 4.22 15.95
CA PHE A 280 27.04 3.63 14.86
C PHE A 280 25.99 4.61 14.31
N ILE A 281 25.29 5.32 15.19
CA ILE A 281 24.27 6.27 14.76
C ILE A 281 24.89 7.49 14.03
N ARG A 282 26.09 7.89 14.44
CA ARG A 282 26.80 8.97 13.75
C ARG A 282 27.20 8.54 12.34
N TYR A 283 27.71 7.32 12.22
CA TYR A 283 28.01 6.69 10.94
C TYR A 283 26.80 6.73 10.00
N ASN A 284 25.65 6.31 10.51
CA ASN A 284 24.43 6.29 9.72
C ASN A 284 23.82 7.68 9.45
N ALA A 285 23.98 8.62 10.39
CA ALA A 285 23.63 10.02 10.12
C ALA A 285 24.33 10.56 8.86
N ASN A 286 25.62 10.26 8.70
CA ASN A 286 26.37 10.63 7.50
C ASN A 286 25.80 10.02 6.22
N LYS A 287 25.33 8.78 6.31
CA LYS A 287 24.67 8.10 5.18
C LYS A 287 23.34 8.76 4.83
N ALA A 288 22.59 9.17 5.85
CA ALA A 288 21.34 9.93 5.63
C ALA A 288 21.62 11.26 4.92
N LEU A 289 22.62 12.01 5.40
CA LEU A 289 23.01 13.26 4.74
C LEU A 289 23.40 13.00 3.30
N MET A 290 24.18 11.94 3.06
CA MET A 290 24.59 11.61 1.70
C MET A 290 23.41 11.26 0.80
N ASN A 291 22.42 10.55 1.34
CA ASN A 291 21.17 10.24 0.63
C ASN A 291 20.43 11.52 0.18
N LEU A 292 20.65 12.60 0.94
CA LEU A 292 20.09 13.93 0.64
C LEU A 292 20.99 14.82 -0.22
N GLY A 293 22.14 14.28 -0.62
CA GLY A 293 23.11 15.04 -1.44
C GLY A 293 23.97 16.03 -0.67
N PHE A 294 24.09 15.81 0.64
CA PHE A 294 24.88 16.68 1.50
C PHE A 294 26.18 15.99 1.96
N ASP A 295 27.17 16.80 2.33
CA ASP A 295 28.44 16.30 2.85
C ASP A 295 28.28 15.65 4.24
N PRO A 296 29.09 14.64 4.57
CA PRO A 296 29.09 14.07 5.93
C PRO A 296 29.33 15.11 7.02
N TYR A 297 28.67 14.96 8.16
CA TYR A 297 28.71 15.95 9.26
C TYR A 297 29.55 15.49 10.45
N PHE A 298 29.62 14.18 10.66
CA PHE A 298 30.38 13.63 11.78
C PHE A 298 31.68 13.01 11.30
N GLU A 299 32.72 13.05 12.14
CA GLU A 299 34.01 12.43 11.77
C GLU A 299 33.89 10.90 11.82
N GLU A 300 34.66 10.23 10.97
CA GLU A 300 34.70 8.77 10.91
C GLU A 300 35.26 8.14 12.19
N GLU A 301 34.66 7.03 12.61
CA GLU A 301 35.09 6.28 13.80
C GLU A 301 35.03 4.77 13.53
N ASP A 302 35.81 3.99 14.28
CA ASP A 302 35.79 2.52 14.15
C ASP A 302 34.53 1.94 14.78
N ILE A 303 33.71 1.28 13.97
CA ILE A 303 32.50 0.60 14.44
C ILE A 303 32.86 -0.81 14.93
N ASN A 304 32.15 -1.29 15.96
CA ASN A 304 32.36 -2.64 16.48
C ASN A 304 32.35 -3.66 15.34
N PRO A 305 33.45 -4.42 15.16
CA PRO A 305 33.55 -5.36 14.03
C PRO A 305 32.50 -6.48 14.10
N ILE A 306 31.97 -6.74 15.30
CA ILE A 306 30.88 -7.69 15.49
C ILE A 306 29.64 -7.24 14.70
N VAL A 307 29.31 -5.97 14.82
CA VAL A 307 28.17 -5.38 14.11
C VAL A 307 28.37 -5.39 12.58
N LEU A 308 29.62 -5.23 12.16
CA LEU A 308 30.00 -5.31 10.73
C LEU A 308 29.87 -6.73 10.18
N ASN A 309 30.17 -7.72 11.02
CA ASN A 309 29.88 -9.12 10.71
C ASN A 309 28.38 -9.43 10.75
N GLY A 310 27.63 -8.64 11.51
CA GLY A 310 26.16 -8.72 11.53
C GLY A 310 25.52 -8.32 10.21
N LEU A 311 26.25 -7.56 9.39
CA LEU A 311 25.78 -7.15 8.06
C LEU A 311 26.13 -8.20 7.00
N LYS B 24 -2.00 12.46 19.84
CA LYS B 24 -1.28 12.97 21.05
C LYS B 24 -0.19 12.00 21.52
N ILE B 25 -0.59 10.80 21.96
CA ILE B 25 0.35 9.73 22.32
C ILE B 25 0.48 8.77 21.15
N TYR B 26 1.70 8.53 20.68
CA TYR B 26 1.92 7.63 19.56
C TYR B 26 2.17 6.21 20.04
N ASP B 27 1.33 5.27 19.59
CA ASP B 27 1.43 3.88 20.01
C ASP B 27 1.82 2.98 18.83
N ALA B 28 2.56 1.92 19.12
CA ALA B 28 3.02 0.97 18.10
C ALA B 28 2.00 -0.14 17.81
N ALA B 29 1.97 -0.59 16.56
CA ALA B 29 1.15 -1.73 16.15
C ALA B 29 1.54 -2.98 16.95
N ASN B 30 0.53 -3.65 17.52
CA ASN B 30 0.73 -4.85 18.32
C ASN B 30 -0.12 -5.97 17.76
N TRP B 31 0.50 -6.83 16.97
CA TRP B 31 -0.22 -7.89 16.29
C TRP B 31 -0.49 -9.11 17.16
N SER B 32 -0.01 -9.09 18.41
CA SER B 32 -0.29 -10.15 19.38
C SER B 32 -1.74 -10.07 19.89
N LYS B 33 -2.40 -8.95 19.63
CA LYS B 33 -3.81 -8.76 20.00
C LYS B 33 -4.66 -8.48 18.75
N HIS B 34 -5.93 -8.87 18.81
CA HIS B 34 -6.89 -8.55 17.76
C HIS B 34 -7.54 -7.20 18.05
N GLU B 35 -7.67 -6.35 17.03
CA GLU B 35 -8.45 -5.12 17.22
C GLU B 35 -9.90 -5.29 16.74
N ASP B 36 -10.14 -6.33 15.94
CA ASP B 36 -11.49 -6.71 15.53
C ASP B 36 -11.58 -8.23 15.29
N ASP B 37 -12.73 -8.71 14.82
CA ASP B 37 -12.96 -10.14 14.66
C ASP B 37 -12.43 -10.71 13.33
N PHE B 38 -11.94 -9.86 12.44
CA PHE B 38 -11.74 -10.28 11.06
C PHE B 38 -10.47 -9.81 10.34
N THR B 39 -9.83 -8.76 10.85
CA THR B 39 -8.71 -8.13 10.12
C THR B 39 -7.48 -9.04 9.95
N GLN B 40 -7.11 -9.78 10.97
CA GLN B 40 -5.97 -10.70 10.83
C GLN B 40 -6.25 -11.81 9.82
N MET B 41 -7.46 -12.35 9.84
CA MET B 41 -7.86 -13.33 8.82
C MET B 41 -7.77 -12.77 7.40
N PHE B 42 -8.23 -11.53 7.19
CA PHE B 42 -8.15 -10.92 5.86
C PHE B 42 -6.73 -10.56 5.49
N TYR B 43 -5.93 -10.19 6.48
CA TYR B 43 -4.50 -9.97 6.27
C TYR B 43 -3.88 -11.22 5.63
N ASN B 44 -4.14 -12.37 6.25
CA ASN B 44 -3.61 -13.65 5.79
C ASN B 44 -4.02 -13.96 4.37
N GLN B 45 -5.32 -13.87 4.10
CA GLN B 45 -5.85 -14.15 2.77
C GLN B 45 -5.30 -13.20 1.70
N ASN B 46 -5.17 -11.93 2.04
CA ASN B 46 -4.60 -10.95 1.13
C ASN B 46 -3.15 -11.22 0.75
N VAL B 47 -2.30 -11.43 1.75
CA VAL B 47 -0.87 -11.60 1.49
C VAL B 47 -0.57 -12.94 0.81
N LYS B 48 -1.38 -13.95 1.08
CA LYS B 48 -1.15 -15.22 0.41
C LYS B 48 -1.63 -15.25 -1.06
N GLN B 49 -2.39 -14.22 -1.45
CA GLN B 49 -2.86 -14.05 -2.82
C GLN B 49 -1.91 -13.16 -3.63
N PHE B 50 -0.75 -12.81 -3.06
CA PHE B 50 0.17 -11.89 -3.73
C PHE B 50 0.65 -12.49 -5.05
N TRP B 51 0.71 -11.66 -6.08
CA TRP B 51 1.16 -12.08 -7.41
C TRP B 51 1.74 -10.88 -8.15
N LEU B 52 2.42 -11.16 -9.26
CA LEU B 52 3.07 -10.14 -10.07
C LEU B 52 2.73 -10.36 -11.54
N PRO B 53 2.62 -9.27 -12.33
CA PRO B 53 2.29 -9.34 -13.76
C PRO B 53 3.21 -10.27 -14.56
N GLU B 54 4.51 -10.17 -14.31
CA GLU B 54 5.55 -10.95 -15.01
C GLU B 54 5.34 -12.48 -15.01
N GLU B 55 4.56 -12.97 -14.05
CA GLU B 55 4.32 -14.41 -13.89
C GLU B 55 3.54 -15.03 -15.06
N ILE B 56 2.68 -14.23 -15.68
CA ILE B 56 1.90 -14.69 -16.83
C ILE B 56 2.51 -14.14 -18.12
N ALA B 57 2.93 -15.02 -19.01
CA ALA B 57 3.42 -14.63 -20.33
C ALA B 57 2.22 -14.26 -21.22
N LEU B 58 2.25 -13.07 -21.81
CA LEU B 58 1.08 -12.56 -22.56
C LEU B 58 1.09 -12.78 -24.07
N ASN B 59 2.28 -13.01 -24.63
CA ASN B 59 2.43 -13.01 -26.09
C ASN B 59 1.57 -14.01 -26.86
N GLY B 60 1.30 -15.17 -26.24
CA GLY B 60 0.47 -16.22 -26.85
C GLY B 60 -1.00 -15.87 -27.07
N ASP B 61 -1.43 -14.72 -26.55
CA ASP B 61 -2.78 -14.22 -26.80
C ASP B 61 -3.00 -13.73 -28.23
N LEU B 62 -1.90 -13.35 -28.89
CA LEU B 62 -1.94 -12.84 -30.25
C LEU B 62 -2.44 -13.91 -31.23
N LEU B 63 -2.35 -15.17 -30.81
CA LEU B 63 -2.80 -16.32 -31.61
C LEU B 63 -4.33 -16.50 -31.62
N THR B 64 -5.03 -15.84 -30.70
CA THR B 64 -6.50 -15.83 -30.75
C THR B 64 -7.05 -14.44 -31.03
N TRP B 65 -6.30 -13.42 -30.61
CA TRP B 65 -6.66 -12.01 -30.83
C TRP B 65 -6.85 -11.70 -32.32
N LYS B 66 -5.93 -12.19 -33.14
CA LYS B 66 -5.97 -12.01 -34.59
C LYS B 66 -7.22 -12.59 -35.26
N TYR B 67 -7.89 -13.52 -34.59
CA TYR B 67 -9.08 -14.15 -35.14
C TYR B 67 -10.41 -13.53 -34.72
N LEU B 68 -10.36 -12.51 -33.86
CA LEU B 68 -11.59 -11.81 -33.46
C LEU B 68 -11.98 -10.76 -34.51
N GLY B 69 -13.28 -10.55 -34.66
CA GLY B 69 -13.81 -9.47 -35.50
C GLY B 69 -13.49 -8.09 -34.94
N LYS B 70 -13.70 -7.06 -35.75
CA LYS B 70 -13.45 -5.68 -35.35
C LYS B 70 -14.30 -5.26 -34.15
N ASN B 71 -15.58 -5.65 -34.14
CA ASN B 71 -16.47 -5.31 -33.04
C ASN B 71 -16.03 -5.95 -31.73
N GLU B 72 -15.57 -7.21 -31.82
CA GLU B 72 -15.05 -7.92 -30.64
C GLU B 72 -13.79 -7.25 -30.08
N GLN B 73 -12.88 -6.87 -30.98
CA GLN B 73 -11.64 -6.21 -30.60
C GLN B 73 -11.93 -4.84 -30.00
N ASP B 74 -12.86 -4.12 -30.62
CA ASP B 74 -13.31 -2.80 -30.16
C ASP B 74 -13.92 -2.87 -28.78
N THR B 75 -14.85 -3.81 -28.57
CA THR B 75 -15.49 -3.95 -27.26
C THR B 75 -14.46 -4.30 -26.19
N TYR B 76 -13.62 -5.28 -26.47
CA TYR B 76 -12.55 -5.67 -25.54
C TYR B 76 -11.66 -4.49 -25.13
N MET B 77 -11.18 -3.73 -26.11
CA MET B 77 -10.36 -2.55 -25.85
C MET B 77 -11.08 -1.54 -24.94
N LYS B 78 -12.34 -1.26 -25.27
CA LYS B 78 -13.14 -0.29 -24.51
C LYS B 78 -13.41 -0.74 -23.08
N VAL B 79 -13.70 -2.03 -22.92
CA VAL B 79 -13.96 -2.62 -21.61
C VAL B 79 -12.68 -2.54 -20.77
N LEU B 80 -11.57 -2.91 -21.40
CA LEU B 80 -10.28 -2.93 -20.73
C LEU B 80 -9.92 -1.54 -20.23
N ALA B 81 -10.12 -0.53 -21.08
CA ALA B 81 -9.82 0.86 -20.73
C ALA B 81 -10.73 1.34 -19.59
N GLY B 82 -11.98 0.92 -19.63
CA GLY B 82 -12.93 1.21 -18.56
C GLY B 82 -12.45 0.68 -17.22
N LEU B 83 -12.05 -0.59 -17.20
CA LEU B 83 -11.53 -1.20 -15.97
C LEU B 83 -10.26 -0.49 -15.50
N THR B 84 -9.38 -0.17 -16.43
CA THR B 84 -8.11 0.48 -16.11
C THR B 84 -8.35 1.84 -15.43
N LEU B 85 -9.20 2.65 -16.06
CA LEU B 85 -9.52 3.98 -15.56
C LEU B 85 -10.16 3.93 -14.17
N LEU B 86 -11.14 3.05 -13.96
CA LEU B 86 -11.75 2.91 -12.64
C LEU B 86 -10.78 2.41 -11.58
N ASP B 87 -9.91 1.49 -11.94
CA ASP B 87 -8.99 0.91 -10.98
C ASP B 87 -7.92 1.90 -10.52
N THR B 88 -7.56 2.83 -11.42
CA THR B 88 -6.63 3.90 -11.10
C THR B 88 -7.20 4.83 -10.04
N GLU B 89 -8.48 5.16 -10.15
CA GLU B 89 -9.13 5.96 -9.13
C GLU B 89 -9.07 5.24 -7.78
N GLN B 90 -9.28 3.93 -7.79
CA GLN B 90 -9.26 3.15 -6.56
C GLN B 90 -7.87 3.11 -5.92
N GLY B 91 -6.82 3.02 -6.75
CA GLY B 91 -5.44 3.03 -6.28
C GLY B 91 -4.94 4.39 -5.79
N ASN B 92 -5.31 5.45 -6.51
CA ASN B 92 -4.84 6.78 -6.13
C ASN B 92 -5.65 7.46 -5.03
N THR B 93 -6.94 7.12 -4.94
CA THR B 93 -7.84 7.80 -4.02
C THR B 93 -8.62 6.85 -3.10
N GLY B 94 -9.38 5.94 -3.70
CA GLY B 94 -10.30 5.07 -2.95
C GLY B 94 -9.70 4.32 -1.79
N MET B 95 -8.66 3.55 -2.04
CA MET B 95 -8.05 2.79 -0.95
C MET B 95 -7.24 3.69 -0.01
N PRO B 96 -6.43 4.62 -0.56
CA PRO B 96 -5.66 5.43 0.39
C PRO B 96 -6.51 6.34 1.27
N ILE B 97 -7.64 6.84 0.75
CA ILE B 97 -8.47 7.73 1.54
C ILE B 97 -9.16 6.98 2.67
N VAL B 98 -9.58 5.75 2.40
CA VAL B 98 -10.19 4.91 3.44
C VAL B 98 -9.17 4.52 4.49
N ALA B 99 -7.96 4.16 4.05
CA ALA B 99 -6.88 3.84 4.99
C ALA B 99 -6.57 5.02 5.91
N GLU B 100 -6.64 6.23 5.36
CA GLU B 100 -6.40 7.44 6.14
C GLU B 100 -7.41 7.68 7.27
N HIS B 101 -8.70 7.44 6.99
CA HIS B 101 -9.76 7.74 7.97
C HIS B 101 -10.15 6.59 8.92
N VAL B 102 -9.80 5.35 8.56
CA VAL B 102 -10.08 4.21 9.42
C VAL B 102 -9.08 4.18 10.60
N ASP B 103 -9.58 3.96 11.81
CA ASP B 103 -8.73 3.80 12.99
C ASP B 103 -8.37 2.34 13.20
N GLY B 104 -7.13 2.09 13.61
CA GLY B 104 -6.66 0.73 13.90
C GLY B 104 -5.41 0.46 13.06
N HIS B 105 -4.32 0.09 13.73
CA HIS B 105 -3.07 -0.19 13.02
C HIS B 105 -3.18 -1.37 12.06
N GLN B 106 -3.88 -2.41 12.46
CA GLN B 106 -3.94 -3.62 11.64
C GLN B 106 -4.80 -3.39 10.40
N ARG B 107 -5.90 -2.63 10.57
CA ARG B 107 -6.76 -2.27 9.45
C ARG B 107 -6.02 -1.39 8.45
N LYS B 108 -5.26 -0.42 8.96
CA LYS B 108 -4.47 0.43 8.09
C LYS B 108 -3.45 -0.38 7.28
N ALA B 109 -2.90 -1.43 7.88
CA ALA B 109 -1.93 -2.26 7.19
C ALA B 109 -2.58 -3.06 6.06
N VAL B 110 -3.74 -3.66 6.34
CA VAL B 110 -4.48 -4.41 5.32
C VAL B 110 -4.88 -3.46 4.17
N LEU B 111 -5.47 -2.32 4.53
CA LEU B 111 -5.82 -1.31 3.53
C LEU B 111 -4.63 -0.83 2.69
N ASN B 112 -3.48 -0.62 3.33
CA ASN B 112 -2.23 -0.31 2.60
C ASN B 112 -1.83 -1.40 1.61
N PHE B 113 -1.99 -2.65 2.04
CA PHE B 113 -1.69 -3.77 1.17
C PHE B 113 -2.61 -3.77 -0.06
N MET B 114 -3.90 -3.54 0.15
CA MET B 114 -4.85 -3.45 -0.93
C MET B 114 -4.53 -2.29 -1.89
N ALA B 115 -4.18 -1.12 -1.35
CA ALA B 115 -3.78 0.03 -2.17
C ALA B 115 -2.54 -0.31 -3.02
N MET B 116 -1.57 -0.99 -2.40
CA MET B 116 -0.39 -1.47 -3.11
C MET B 116 -0.76 -2.34 -4.33
N MET B 117 -1.67 -3.29 -4.11
CA MET B 117 -2.10 -4.19 -5.19
C MET B 117 -2.72 -3.41 -6.37
N GLU B 118 -3.50 -2.39 -6.07
CA GLU B 118 -4.10 -1.54 -7.11
C GLU B 118 -3.04 -0.86 -7.95
N ASN B 119 -2.08 -0.22 -7.28
CA ASN B 119 -1.08 0.65 -7.93
C ASN B 119 0.13 -0.07 -8.51
N ALA B 120 0.60 -1.09 -7.80
CA ALA B 120 1.83 -1.79 -8.16
C ALA B 120 1.58 -3.05 -8.99
N VAL B 121 0.42 -3.66 -8.84
CA VAL B 121 0.17 -4.95 -9.48
C VAL B 121 -0.90 -4.84 -10.57
N HIS B 122 -2.11 -4.43 -10.16
CA HIS B 122 -3.24 -4.31 -11.10
C HIS B 122 -2.96 -3.33 -12.22
N ALA B 123 -2.45 -2.14 -11.89
CA ALA B 123 -2.24 -1.10 -12.91
C ALA B 123 -1.20 -1.52 -13.95
N LYS B 124 -0.14 -2.17 -13.49
CA LYS B 124 0.90 -2.68 -14.38
C LYS B 124 0.35 -3.82 -15.26
N SER B 125 -0.53 -4.64 -14.68
CA SER B 125 -1.14 -5.76 -15.39
C SER B 125 -2.03 -5.32 -16.55
N TYR B 126 -2.84 -4.30 -16.30
CA TYR B 126 -3.71 -3.73 -17.34
C TYR B 126 -2.87 -3.11 -18.46
N SER B 127 -1.82 -2.38 -18.08
CA SER B 127 -0.91 -1.78 -19.06
C SER B 127 -0.25 -2.85 -19.94
N ASN B 128 0.26 -3.91 -19.30
CA ASN B 128 0.84 -5.07 -20.00
C ASN B 128 -0.11 -5.72 -21.02
N ILE B 129 -1.35 -5.94 -20.62
CA ILE B 129 -2.36 -6.49 -21.55
C ILE B 129 -2.53 -5.57 -22.77
N PHE B 130 -2.70 -4.27 -22.52
CA PHE B 130 -2.85 -3.30 -23.61
C PHE B 130 -1.66 -3.29 -24.58
N MET B 131 -0.44 -3.18 -24.04
CA MET B 131 0.78 -3.13 -24.84
C MET B 131 0.98 -4.37 -25.68
N THR B 132 0.46 -5.51 -25.20
CA THR B 132 0.55 -6.76 -25.95
C THR B 132 -0.39 -6.79 -27.16
N LEU B 133 -1.62 -6.31 -26.97
CA LEU B 133 -2.69 -6.44 -27.96
C LEU B 133 -2.80 -5.29 -28.96
N ALA B 134 -2.44 -4.08 -28.55
CA ALA B 134 -2.60 -2.92 -29.44
C ALA B 134 -1.29 -2.14 -29.61
N PRO B 135 -1.09 -1.51 -30.79
CA PRO B 135 0.05 -0.60 -30.92
C PRO B 135 -0.19 0.70 -30.14
N THR B 136 0.88 1.43 -29.84
CA THR B 136 0.84 2.63 -28.99
C THR B 136 -0.25 3.63 -29.40
N GLU B 137 -0.35 3.90 -30.70
CA GLU B 137 -1.33 4.86 -31.21
C GLU B 137 -2.78 4.44 -30.95
N THR B 138 -3.05 3.14 -31.07
CA THR B 138 -4.39 2.58 -30.80
C THR B 138 -4.76 2.68 -29.31
N ILE B 139 -3.78 2.43 -28.44
CA ILE B 139 -3.99 2.56 -27.00
C ILE B 139 -4.37 4.00 -26.63
N ASN B 140 -3.60 4.96 -27.12
CA ASN B 140 -3.86 6.39 -26.87
C ASN B 140 -5.27 6.83 -27.33
N GLU B 141 -5.72 6.33 -28.48
CA GLU B 141 -7.03 6.66 -29.02
C GLU B 141 -8.20 6.06 -28.22
N VAL B 142 -8.06 4.79 -27.82
CA VAL B 142 -9.05 4.12 -27.00
C VAL B 142 -9.23 4.85 -25.66
N PHE B 143 -8.11 5.23 -25.05
CA PHE B 143 -8.17 5.96 -23.79
C PHE B 143 -8.75 7.36 -23.93
N GLU B 144 -8.46 8.02 -25.05
CA GLU B 144 -9.11 9.29 -25.39
C GLU B 144 -10.63 9.13 -25.49
N TRP B 145 -11.08 8.07 -26.18
CA TRP B 145 -12.52 7.78 -26.36
C TRP B 145 -13.20 7.47 -25.03
N VAL B 146 -12.63 6.54 -24.28
CA VAL B 146 -13.23 6.10 -23.02
C VAL B 146 -13.18 7.23 -21.99
N LYS B 147 -12.16 8.07 -22.06
CA LYS B 147 -12.06 9.26 -21.20
C LYS B 147 -13.18 10.28 -21.45
N GLN B 148 -13.69 10.34 -22.69
CA GLN B 148 -14.77 11.24 -23.05
C GLN B 148 -16.15 10.59 -22.94
N ASN B 149 -16.19 9.26 -22.83
CA ASN B 149 -17.43 8.49 -22.79
C ASN B 149 -18.35 8.87 -21.61
N LYS B 150 -19.60 9.18 -21.93
CA LYS B 150 -20.57 9.68 -20.96
C LYS B 150 -20.87 8.70 -19.80
N TYR B 151 -21.01 7.41 -20.12
CA TYR B 151 -21.43 6.42 -19.11
C TYR B 151 -20.28 6.02 -18.20
N LEU B 152 -19.07 5.89 -18.77
CA LEU B 152 -17.88 5.65 -17.97
C LEU B 152 -17.62 6.84 -17.03
N GLN B 153 -17.62 8.05 -17.57
CA GLN B 153 -17.45 9.26 -16.75
C GLN B 153 -18.49 9.41 -15.65
N LYS B 154 -19.76 9.16 -15.97
CA LYS B 154 -20.80 9.31 -14.96
C LYS B 154 -20.48 8.48 -13.71
N LYS B 155 -20.23 7.17 -13.90
CA LYS B 155 -19.93 6.32 -12.76
C LYS B 155 -18.59 6.67 -12.11
N ALA B 156 -17.55 6.94 -12.91
CA ALA B 156 -16.24 7.27 -12.32
C ALA B 156 -16.34 8.50 -11.40
N GLN B 157 -17.01 9.56 -11.87
CA GLN B 157 -17.13 10.79 -11.08
C GLN B 157 -18.08 10.67 -9.89
N MET B 158 -19.12 9.86 -10.00
CA MET B 158 -20.01 9.59 -8.85
C MET B 158 -19.25 8.97 -7.68
N ILE B 159 -18.40 7.98 -7.98
CA ILE B 159 -17.61 7.29 -6.97
C ILE B 159 -16.58 8.24 -6.34
N VAL B 160 -15.83 8.95 -7.21
CA VAL B 160 -14.79 9.89 -6.79
C VAL B 160 -15.38 11.03 -5.95
N GLY B 161 -16.58 11.48 -6.32
CA GLY B 161 -17.30 12.51 -5.56
C GLY B 161 -17.50 12.12 -4.10
N LEU B 162 -17.89 10.86 -3.87
CA LEU B 162 -18.09 10.37 -2.51
C LEU B 162 -16.78 10.24 -1.72
N TYR B 163 -15.70 9.84 -2.39
CA TYR B 163 -14.36 9.82 -1.74
C TYR B 163 -13.90 11.21 -1.35
N LYS B 164 -14.15 12.20 -2.21
CA LYS B 164 -13.76 13.59 -1.92
C LYS B 164 -14.59 14.24 -0.80
N ALA B 165 -15.76 13.66 -0.50
CA ALA B 165 -16.67 14.22 0.50
C ALA B 165 -16.46 13.70 1.92
N ILE B 166 -15.51 12.77 2.11
CA ILE B 166 -15.19 12.27 3.45
C ILE B 166 -14.64 13.42 4.30
N GLN B 167 -15.17 13.57 5.51
CA GLN B 167 -14.70 14.59 6.43
C GLN B 167 -14.01 13.94 7.63
N LYS B 168 -12.93 14.55 8.09
CA LYS B 168 -12.21 14.08 9.27
C LYS B 168 -13.16 13.86 10.45
N ASP B 169 -13.00 12.74 11.14
CA ASP B 169 -13.83 12.38 12.31
C ASP B 169 -15.33 12.33 12.06
N ASP B 170 -15.75 12.14 10.82
CA ASP B 170 -17.17 11.96 10.53
C ASP B 170 -17.38 10.59 9.91
N GLU B 171 -17.89 9.66 10.74
CA GLU B 171 -18.06 8.28 10.34
C GLU B 171 -19.19 8.06 9.33
N ILE B 172 -20.14 8.99 9.27
CA ILE B 172 -21.23 8.92 8.28
C ILE B 172 -20.68 9.10 6.87
N SER B 173 -19.87 10.12 6.68
CA SER B 173 -19.25 10.40 5.38
C SER B 173 -18.27 9.28 4.99
N LEU B 174 -17.60 8.70 5.99
CA LEU B 174 -16.70 7.58 5.74
C LEU B 174 -17.52 6.36 5.25
N PHE B 175 -18.64 6.10 5.92
CA PHE B 175 -19.50 4.99 5.54
C PHE B 175 -19.99 5.13 4.09
N LYS B 176 -20.43 6.32 3.73
CA LYS B 176 -20.90 6.59 2.36
C LYS B 176 -19.82 6.31 1.31
N ALA B 177 -18.59 6.71 1.62
CA ALA B 177 -17.45 6.40 0.76
C ALA B 177 -17.16 4.90 0.70
N MET B 178 -17.36 4.20 1.81
CA MET B 178 -17.12 2.75 1.85
C MET B 178 -18.14 2.02 0.99
N VAL B 179 -19.38 2.50 1.04
CA VAL B 179 -20.44 1.99 0.18
C VAL B 179 -20.07 2.17 -1.29
N ALA B 180 -19.61 3.37 -1.65
CA ALA B 180 -19.12 3.64 -3.00
C ALA B 180 -17.99 2.69 -3.37
N SER B 181 -17.04 2.48 -2.45
CA SER B 181 -15.92 1.58 -2.69
C SER B 181 -16.37 0.14 -2.92
N VAL B 182 -17.26 -0.36 -2.06
CA VAL B 182 -17.82 -1.70 -2.24
C VAL B 182 -18.56 -1.83 -3.57
N TYR B 183 -19.32 -0.79 -3.95
CA TYR B 183 -20.01 -0.81 -5.22
C TYR B 183 -19.03 -0.88 -6.39
N LEU B 184 -17.88 -0.23 -6.28
CA LEU B 184 -16.89 -0.31 -7.34
C LEU B 184 -16.27 -1.71 -7.38
N GLU B 185 -15.76 -2.17 -6.24
CA GLU B 185 -15.07 -3.47 -6.14
C GLU B 185 -15.95 -4.68 -6.48
N SER B 186 -17.20 -4.64 -6.05
CA SER B 186 -18.06 -5.82 -6.09
C SER B 186 -19.19 -5.73 -7.13
N PHE B 187 -19.26 -4.63 -7.87
CA PHE B 187 -20.41 -4.42 -8.74
C PHE B 187 -20.02 -3.73 -10.06
N LEU B 188 -19.49 -2.52 -9.99
CA LEU B 188 -19.21 -1.72 -11.20
C LEU B 188 -18.16 -2.33 -12.14
N PHE B 189 -17.16 -3.02 -11.58
CA PHE B 189 -16.15 -3.70 -12.40
C PHE B 189 -16.75 -4.83 -13.27
N TYR B 190 -17.89 -5.37 -12.87
CA TYR B 190 -18.36 -6.63 -13.46
C TYR B 190 -18.99 -6.53 -14.86
N SER B 191 -19.53 -5.36 -15.21
CA SER B 191 -19.95 -5.12 -16.59
C SER B 191 -18.73 -5.21 -17.51
N GLY B 192 -17.56 -4.90 -16.95
CA GLY B 192 -16.29 -5.00 -17.67
C GLY B 192 -15.68 -6.39 -17.65
N PHE B 193 -15.58 -6.98 -16.46
CA PHE B 193 -15.02 -8.33 -16.30
C PHE B 193 -15.73 -9.36 -17.17
N TYR B 194 -17.01 -9.13 -17.46
CA TYR B 194 -17.81 -10.06 -18.24
C TYR B 194 -17.09 -10.54 -19.51
N TYR B 195 -16.56 -9.59 -20.27
CA TYR B 195 -16.04 -9.92 -21.58
C TYR B 195 -14.78 -10.79 -21.54
N PRO B 196 -13.74 -10.39 -20.76
CA PRO B 196 -12.57 -11.26 -20.61
C PRO B 196 -12.92 -12.65 -20.07
N LEU B 197 -13.87 -12.72 -19.14
CA LEU B 197 -14.34 -14.02 -18.63
C LEU B 197 -15.06 -14.85 -19.70
N TYR B 198 -15.83 -14.16 -20.54
CA TYR B 198 -16.52 -14.76 -21.67
C TYR B 198 -15.53 -15.38 -22.66
N PHE B 199 -14.48 -14.64 -23.02
CA PHE B 199 -13.42 -15.22 -23.85
C PHE B 199 -12.68 -16.36 -23.16
N TYR B 200 -12.31 -16.12 -21.90
CA TYR B 200 -11.57 -17.08 -21.07
C TYR B 200 -12.31 -18.41 -20.98
N GLY B 201 -13.64 -18.35 -20.84
CA GLY B 201 -14.47 -19.53 -20.80
C GLY B 201 -14.60 -20.28 -22.12
N GLN B 202 -14.21 -19.64 -23.22
CA GLN B 202 -14.25 -20.21 -24.57
C GLN B 202 -12.87 -20.67 -25.08
N GLY B 203 -11.83 -20.43 -24.31
CA GLY B 203 -10.47 -20.78 -24.73
C GLY B 203 -9.77 -19.69 -25.52
N LYS B 204 -10.34 -18.49 -25.52
CA LYS B 204 -9.74 -17.34 -26.21
C LYS B 204 -9.10 -16.36 -25.22
N LEU B 205 -8.02 -15.72 -25.66
CA LEU B 205 -7.26 -14.75 -24.83
C LEU B 205 -7.08 -15.27 -23.39
N MET B 206 -6.51 -16.46 -23.29
CA MET B 206 -6.32 -17.18 -22.04
C MET B 206 -5.31 -16.56 -21.08
N GLN B 207 -4.25 -15.94 -21.62
CA GLN B 207 -3.20 -15.34 -20.78
C GLN B 207 -3.72 -14.07 -20.11
N SER B 208 -4.35 -13.19 -20.88
N SER B 208 -4.35 -13.20 -20.90
CA SER B 208 -4.93 -11.98 -20.32
CA SER B 208 -4.96 -11.97 -20.38
C SER B 208 -6.15 -12.30 -19.45
C SER B 208 -6.11 -12.32 -19.45
N GLY B 209 -6.87 -13.36 -19.82
CA GLY B 209 -8.01 -13.84 -19.01
C GLY B 209 -7.58 -14.37 -17.65
N GLU B 210 -6.42 -15.02 -17.61
CA GLU B 210 -5.86 -15.48 -16.34
C GLU B 210 -5.50 -14.28 -15.46
N ILE B 211 -4.84 -13.29 -16.05
CA ILE B 211 -4.55 -12.04 -15.35
C ILE B 211 -5.82 -11.40 -14.81
N ILE B 212 -6.86 -11.30 -15.65
CA ILE B 212 -8.10 -10.66 -15.23
C ILE B 212 -8.74 -11.41 -14.06
N ASN B 213 -8.68 -12.73 -14.12
CA ASN B 213 -9.22 -13.57 -13.06
C ASN B 213 -8.51 -13.35 -11.70
N LEU B 214 -7.20 -13.08 -11.76
CA LEU B 214 -6.43 -12.80 -10.55
C LEU B 214 -6.80 -11.44 -9.99
N ILE B 215 -6.96 -10.47 -10.88
CA ILE B 215 -7.38 -9.12 -10.51
C ILE B 215 -8.76 -9.20 -9.86
N LEU B 216 -9.69 -9.88 -10.53
CA LEU B 216 -11.05 -10.00 -10.05
C LEU B 216 -11.09 -10.64 -8.66
N ARG B 217 -10.27 -11.67 -8.47
CA ARG B 217 -10.17 -12.35 -7.17
C ARG B 217 -9.70 -11.38 -6.06
N ASP B 218 -8.75 -10.50 -6.37
CA ASP B 218 -8.37 -9.43 -5.44
C ASP B 218 -9.53 -8.45 -5.16
N GLU B 219 -10.22 -7.99 -6.21
CA GLU B 219 -11.31 -7.02 -6.01
C GLU B 219 -12.44 -7.61 -5.16
N ALA B 220 -12.71 -8.91 -5.34
CA ALA B 220 -13.71 -9.61 -4.52
C ALA B 220 -13.41 -9.52 -3.03
N ILE B 221 -12.20 -9.90 -2.62
CA ILE B 221 -11.80 -9.76 -1.22
C ILE B 221 -11.73 -8.29 -0.75
N HIS B 222 -11.32 -7.37 -1.63
CA HIS B 222 -11.33 -5.94 -1.27
C HIS B 222 -12.75 -5.51 -0.92
N GLY B 223 -13.71 -5.85 -1.78
CA GLY B 223 -15.13 -5.55 -1.56
C GLY B 223 -15.68 -6.13 -0.27
N VAL B 224 -15.36 -7.39 0.02
CA VAL B 224 -15.81 -8.03 1.27
C VAL B 224 -15.25 -7.34 2.50
N TYR B 225 -13.95 -7.02 2.46
CA TYR B 225 -13.26 -6.38 3.59
C TYR B 225 -13.81 -4.97 3.87
N VAL B 226 -13.85 -4.13 2.84
CA VAL B 226 -14.40 -2.78 3.01
C VAL B 226 -15.86 -2.85 3.46
N GLY B 227 -16.59 -3.84 2.95
CA GLY B 227 -17.97 -4.11 3.40
C GLY B 227 -18.11 -4.34 4.89
N LEU B 228 -17.17 -5.11 5.46
CA LEU B 228 -17.18 -5.36 6.90
C LEU B 228 -16.89 -4.08 7.70
N LEU B 229 -15.97 -3.27 7.20
CA LEU B 229 -15.68 -1.96 7.82
C LEU B 229 -16.89 -1.01 7.78
N ALA B 230 -17.66 -1.05 6.68
CA ALA B 230 -18.89 -0.26 6.57
C ALA B 230 -19.97 -0.75 7.54
N GLN B 231 -20.15 -2.07 7.64
CA GLN B 231 -21.12 -2.65 8.59
C GLN B 231 -20.80 -2.28 10.04
N GLU B 232 -19.52 -2.24 10.38
CA GLU B 232 -19.08 -1.78 11.71
C GLU B 232 -19.60 -0.37 12.01
N ILE B 233 -19.47 0.55 11.06
CA ILE B 233 -20.01 1.91 11.23
C ILE B 233 -21.54 1.89 11.31
N TYR B 234 -22.16 1.20 10.36
CA TYR B 234 -23.62 1.07 10.30
C TYR B 234 -24.20 0.60 11.63
N ASN B 235 -23.56 -0.40 12.23
CA ASN B 235 -24.04 -1.00 13.49
C ASN B 235 -23.88 -0.11 14.71
N LYS B 236 -23.12 0.96 14.58
CA LYS B 236 -22.95 1.93 15.66
C LYS B 236 -24.05 3.00 15.63
N GLN B 237 -24.92 2.94 14.63
CA GLN B 237 -25.92 4.00 14.43
C GLN B 237 -27.26 3.67 15.06
N THR B 238 -28.06 4.71 15.30
CA THR B 238 -29.45 4.56 15.74
C THR B 238 -30.30 3.89 14.66
N GLU B 239 -31.53 3.50 15.03
CA GLU B 239 -32.43 2.87 14.06
C GLU B 239 -32.85 3.83 12.95
N GLU B 240 -33.11 5.08 13.30
CA GLU B 240 -33.47 6.09 12.31
C GLU B 240 -32.31 6.38 11.36
N LYS B 241 -31.11 6.49 11.91
CA LYS B 241 -29.90 6.72 11.12
C LYS B 241 -29.59 5.53 10.21
N LYS B 242 -29.80 4.31 10.71
CA LYS B 242 -29.66 3.10 9.91
C LYS B 242 -30.59 3.12 8.70
N ALA B 243 -31.88 3.38 8.92
CA ALA B 243 -32.86 3.48 7.84
C ALA B 243 -32.46 4.50 6.78
N GLU B 244 -31.84 5.60 7.24
CA GLU B 244 -31.37 6.68 6.40
C GLU B 244 -30.14 6.25 5.57
N LEU B 245 -29.24 5.50 6.18
CA LEU B 245 -28.08 4.93 5.49
C LEU B 245 -28.48 3.84 4.49
N ARG B 246 -29.51 3.06 4.81
CA ARG B 246 -30.05 2.08 3.87
C ARG B 246 -30.64 2.76 2.64
N GLU B 247 -31.40 3.82 2.87
CA GLU B 247 -31.97 4.59 1.76
C GLU B 247 -30.86 5.18 0.89
N PHE B 248 -29.81 5.71 1.51
CA PHE B 248 -28.63 6.19 0.78
C PHE B 248 -28.05 5.11 -0.13
N ALA B 249 -27.81 3.93 0.44
CA ALA B 249 -27.17 2.82 -0.27
C ALA B 249 -28.03 2.33 -1.47
N ILE B 250 -29.34 2.20 -1.25
CA ILE B 250 -30.25 1.76 -2.30
C ILE B 250 -30.39 2.82 -3.39
N ASP B 251 -30.49 4.08 -3.00
CA ASP B 251 -30.58 5.20 -3.94
C ASP B 251 -29.31 5.26 -4.82
N LEU B 252 -28.15 5.17 -4.18
CA LEU B 252 -26.88 5.13 -4.91
C LEU B 252 -26.82 3.94 -5.87
N LEU B 253 -27.22 2.76 -5.37
CA LEU B 253 -27.22 1.55 -6.21
C LEU B 253 -28.09 1.75 -7.45
N ASN B 254 -29.29 2.28 -7.24
CA ASN B 254 -30.22 2.59 -8.35
C ASN B 254 -29.62 3.52 -9.41
N GLN B 255 -28.96 4.59 -8.97
CA GLN B 255 -28.34 5.54 -9.92
C GLN B 255 -27.27 4.84 -10.73
N LEU B 256 -26.39 4.09 -10.04
CA LEU B 256 -25.31 3.37 -10.70
C LEU B 256 -25.85 2.28 -11.62
N TYR B 257 -26.87 1.56 -11.16
CA TYR B 257 -27.45 0.49 -11.95
C TYR B 257 -28.06 1.00 -13.26
N GLU B 258 -28.79 2.11 -13.20
CA GLU B 258 -29.42 2.64 -14.41
C GLU B 258 -28.37 3.10 -15.43
N ASN B 259 -27.30 3.70 -14.95
CA ASN B 259 -26.16 4.04 -15.80
C ASN B 259 -25.41 2.80 -16.36
N GLU B 260 -25.29 1.74 -15.55
CA GLU B 260 -24.70 0.46 -16.00
C GLU B 260 -25.46 -0.16 -17.17
N LEU B 261 -26.79 -0.05 -17.13
CA LEU B 261 -27.61 -0.58 -18.21
C LEU B 261 -27.29 0.14 -19.51
N GLU B 262 -27.16 1.47 -19.43
CA GLU B 262 -26.81 2.27 -20.60
C GLU B 262 -25.37 1.99 -21.06
N TYR B 263 -24.45 1.92 -20.11
CA TYR B 263 -23.05 1.57 -20.38
C TYR B 263 -22.98 0.22 -21.11
N THR B 264 -23.77 -0.73 -20.63
CA THR B 264 -23.80 -2.09 -21.15
C THR B 264 -24.28 -2.13 -22.61
N GLU B 265 -25.41 -1.49 -22.88
CA GLU B 265 -25.92 -1.44 -24.26
C GLU B 265 -24.94 -0.77 -25.20
N ASP B 266 -24.31 0.32 -24.72
CA ASP B 266 -23.34 1.09 -25.50
C ASP B 266 -22.14 0.23 -25.97
N LEU B 267 -21.71 -0.72 -25.15
CA LEU B 267 -20.54 -1.55 -25.45
C LEU B 267 -20.87 -2.91 -26.05
N TYR B 268 -21.95 -3.54 -25.57
CA TYR B 268 -22.23 -4.94 -25.87
C TYR B 268 -23.28 -5.23 -26.93
N ASP B 269 -24.13 -4.25 -27.27
CA ASP B 269 -25.08 -4.47 -28.37
C ASP B 269 -24.38 -4.88 -29.69
N GLN B 270 -23.22 -4.29 -29.98
CA GLN B 270 -22.49 -4.58 -31.22
C GLN B 270 -21.95 -6.01 -31.29
N VAL B 271 -21.88 -6.69 -30.15
CA VAL B 271 -21.47 -8.11 -30.13
C VAL B 271 -22.59 -9.02 -29.59
N GLY B 272 -23.80 -8.47 -29.45
CA GLY B 272 -25.02 -9.24 -29.12
C GLY B 272 -25.13 -9.85 -27.74
N LEU B 273 -24.45 -9.27 -26.76
CA LEU B 273 -24.35 -9.90 -25.44
C LEU B 273 -25.08 -9.21 -24.29
N SER B 274 -25.68 -8.05 -24.56
N SER B 274 -25.68 -8.05 -24.56
CA SER B 274 -26.19 -7.16 -23.50
CA SER B 274 -26.19 -7.17 -23.50
C SER B 274 -27.18 -7.81 -22.52
C SER B 274 -27.17 -7.82 -22.52
N HIS B 275 -28.11 -8.61 -23.03
CA HIS B 275 -29.07 -9.34 -22.18
C HIS B 275 -28.38 -10.14 -21.06
N ASP B 276 -27.37 -10.94 -21.45
CA ASP B 276 -26.64 -11.76 -20.50
C ASP B 276 -25.75 -10.94 -19.57
N VAL B 277 -25.16 -9.86 -20.09
CA VAL B 277 -24.35 -8.97 -19.26
C VAL B 277 -25.20 -8.32 -18.15
N LYS B 278 -26.42 -7.92 -18.51
CA LYS B 278 -27.35 -7.35 -17.54
C LYS B 278 -27.66 -8.30 -16.37
N LYS B 279 -27.86 -9.59 -16.67
CA LYS B 279 -28.05 -10.59 -15.62
C LYS B 279 -26.84 -10.65 -14.68
N PHE B 280 -25.64 -10.54 -15.25
CA PHE B 280 -24.37 -10.59 -14.51
C PHE B 280 -24.17 -9.36 -13.61
N ILE B 281 -24.54 -8.19 -14.11
CA ILE B 281 -24.56 -6.96 -13.30
C ILE B 281 -25.46 -7.10 -12.05
N ARG B 282 -26.69 -7.60 -12.23
CA ARG B 282 -27.65 -7.72 -11.12
C ARG B 282 -27.18 -8.72 -10.07
N TYR B 283 -26.65 -9.84 -10.55
CA TYR B 283 -26.09 -10.88 -9.69
C TYR B 283 -24.94 -10.31 -8.83
N ASN B 284 -24.09 -9.48 -9.44
CA ASN B 284 -22.99 -8.88 -8.70
C ASN B 284 -23.41 -7.71 -7.81
N ALA B 285 -24.44 -6.97 -8.22
CA ALA B 285 -25.08 -5.97 -7.35
C ALA B 285 -25.58 -6.60 -6.03
N ASN B 286 -26.21 -7.76 -6.14
CA ASN B 286 -26.66 -8.52 -4.98
C ASN B 286 -25.50 -8.94 -4.06
N LYS B 287 -24.37 -9.33 -4.64
CA LYS B 287 -23.18 -9.67 -3.84
C LYS B 287 -22.66 -8.44 -3.09
N ALA B 288 -22.63 -7.29 -3.77
CA ALA B 288 -22.20 -6.02 -3.17
C ALA B 288 -23.09 -5.62 -1.98
N LEU B 289 -24.40 -5.76 -2.16
CA LEU B 289 -25.33 -5.52 -1.07
C LEU B 289 -25.08 -6.47 0.10
N MET B 290 -24.90 -7.75 -0.20
CA MET B 290 -24.61 -8.71 0.88
C MET B 290 -23.30 -8.37 1.61
N ASN B 291 -22.28 -7.91 0.88
CA ASN B 291 -21.05 -7.39 1.51
C ASN B 291 -21.27 -6.27 2.52
N LEU B 292 -22.31 -5.47 2.28
CA LEU B 292 -22.69 -4.36 3.17
C LEU B 292 -23.74 -4.77 4.20
N GLY B 293 -23.98 -6.08 4.30
CA GLY B 293 -24.94 -6.62 5.25
C GLY B 293 -26.39 -6.35 4.92
N PHE B 294 -26.67 -6.01 3.65
CA PHE B 294 -28.03 -5.71 3.18
C PHE B 294 -28.64 -6.89 2.40
N ASP B 295 -29.96 -6.91 2.30
CA ASP B 295 -30.67 -7.93 1.54
C ASP B 295 -30.45 -7.76 0.02
N PRO B 296 -30.54 -8.85 -0.75
CA PRO B 296 -30.43 -8.70 -2.20
C PRO B 296 -31.57 -7.85 -2.75
N TYR B 297 -31.28 -7.06 -3.77
CA TYR B 297 -32.27 -6.15 -4.35
C TYR B 297 -33.00 -6.81 -5.54
N PHE B 298 -32.27 -7.63 -6.27
CA PHE B 298 -32.74 -8.24 -7.52
C PHE B 298 -33.07 -9.71 -7.32
N GLU B 299 -34.05 -10.20 -8.06
CA GLU B 299 -34.40 -11.63 -8.07
C GLU B 299 -33.19 -12.44 -8.58
N GLU B 300 -33.09 -13.68 -8.11
CA GLU B 300 -32.02 -14.59 -8.51
C GLU B 300 -32.18 -14.97 -9.98
N GLU B 301 -31.08 -14.93 -10.71
CA GLU B 301 -31.04 -15.29 -12.13
C GLU B 301 -29.87 -16.22 -12.36
N ASP B 302 -29.98 -17.08 -13.37
CA ASP B 302 -28.86 -17.93 -13.76
C ASP B 302 -27.90 -17.10 -14.61
N ILE B 303 -26.62 -17.45 -14.58
CA ILE B 303 -25.62 -16.70 -15.35
C ILE B 303 -25.15 -17.48 -16.59
N ASN B 304 -24.75 -16.75 -17.62
CA ASN B 304 -24.19 -17.36 -18.83
C ASN B 304 -23.13 -18.43 -18.49
N PRO B 305 -23.32 -19.68 -18.98
CA PRO B 305 -22.43 -20.78 -18.61
C PRO B 305 -20.99 -20.64 -19.10
N ILE B 306 -20.78 -19.88 -20.17
CA ILE B 306 -19.44 -19.64 -20.67
C ILE B 306 -18.66 -18.74 -19.69
N VAL B 307 -19.31 -17.65 -19.28
CA VAL B 307 -18.79 -16.80 -18.23
C VAL B 307 -18.58 -17.56 -16.91
N LEU B 308 -19.53 -18.43 -16.54
CA LEU B 308 -19.34 -19.29 -15.37
C LEU B 308 -18.09 -20.17 -15.48
N ASN B 309 -17.87 -20.74 -16.66
CA ASN B 309 -16.68 -21.55 -16.89
C ASN B 309 -15.39 -20.74 -16.76
N GLY B 310 -15.46 -19.47 -17.18
CA GLY B 310 -14.37 -18.53 -16.97
C GLY B 310 -14.13 -18.25 -15.49
N LEU B 311 -15.21 -17.96 -14.76
CA LEU B 311 -15.14 -17.64 -13.34
C LEU B 311 -14.60 -18.79 -12.49
N ASN B 312 -15.01 -20.01 -12.82
CA ASN B 312 -14.66 -21.20 -12.04
C ASN B 312 -13.26 -21.73 -12.31
N THR B 313 -12.55 -21.10 -13.23
CA THR B 313 -11.17 -21.50 -13.56
C THR B 313 -10.22 -21.18 -12.40
N LYS B 314 -9.29 -22.11 -12.17
CA LYS B 314 -8.16 -21.94 -11.24
C LYS B 314 -7.87 -23.28 -10.54
MN MN C . 11.31 2.39 5.19
MN MN D . 10.41 -0.23 7.69
S SO4 E . 30.02 9.98 22.74
O1 SO4 E . 30.00 8.64 22.13
O2 SO4 E . 29.77 9.85 24.17
O3 SO4 E . 31.34 10.56 22.51
O4 SO4 E . 28.99 10.82 22.14
MN MN F . -9.59 -3.26 -5.45
MN MN G . -7.55 -3.22 -8.78
S SO4 H . -17.41 -8.54 -35.85
O1 SO4 H . -16.96 -9.55 -36.81
O2 SO4 H . -18.88 -8.55 -35.77
O3 SO4 H . -16.87 -8.80 -34.51
O4 SO4 H . -16.99 -7.22 -36.31
#